data_8QJZ
#
_entry.id   8QJZ
#
_cell.length_a   123.827
_cell.length_b   81.392
_cell.length_c   33.127
_cell.angle_alpha   90.00
_cell.angle_beta   100.32
_cell.angle_gamma   90.00
#
_symmetry.space_group_name_H-M   'C 1 2 1'
#
loop_
_entity.id
_entity.type
_entity.pdbx_description
1 polymer 'UDP-2,3-diacylglucosamine hydrolase'
2 non-polymer 'MANGANESE (II) ION'
3 non-polymer '(R)-((2R,3S,4R,5R,6R)-3-HYDROXY-2-(HYDROXYMETHYL)-5-((R)-3-HYDROXYTETRADECANAMIDO)-6-(PHOSPHONOOXY)TETRAHYDRO-2H-PYRAN-4-YL) 3-HYDROXYTETRADECANOATE'
4 water water
#
_entity_poly.entity_id   1
_entity_poly.type   'polypeptide(L)'
_entity_poly.pdbx_seq_one_letter_code
;MATLFIADLHLCVEEPAITAGFLRFLAEEARKADALYILGDLFEAWIGDDDPNPLHRQMAAAIKAVSDSGVPCYFIHGNR
DFLLGKRFARESGMTLLPEEKVLELYGRRVLIMHGDTLCTDDAGYQAFRAKVHKPWLQMLFLALPLFVRKRIAARMRANS
KEANSSKSLAIMDVNQNAVVSAMEKHQVQWLIHGHTHRPAVHELIANQQPAFRVVLGAWHTEGSMVKVTADDVELIHFPF
HHHHHH
;
_entity_poly.pdbx_strand_id   A
#
# COMPACT_ATOMS: atom_id res chain seq x y z
N ALA A 2 2.68 -5.59 -19.28
CA ALA A 2 3.23 -4.75 -18.18
C ALA A 2 2.60 -5.15 -16.86
N THR A 3 3.35 -4.92 -15.79
CA THR A 3 2.90 -5.16 -14.44
C THR A 3 2.78 -3.81 -13.73
N LEU A 4 1.67 -3.61 -13.01
CA LEU A 4 1.35 -2.30 -12.44
C LEU A 4 1.40 -2.35 -10.92
N PHE A 5 1.81 -1.20 -10.35
CA PHE A 5 1.89 -1.02 -8.91
C PHE A 5 1.22 0.29 -8.54
N ILE A 6 0.36 0.26 -7.51
CA ILE A 6 -0.27 1.45 -6.96
C ILE A 6 -0.25 1.32 -5.44
N ALA A 7 -0.44 2.45 -4.75
CA ALA A 7 -0.51 2.46 -3.30
C ALA A 7 -1.14 3.77 -2.84
N ASP A 8 -1.54 3.81 -1.56
CA ASP A 8 -1.87 5.08 -0.92
C ASP A 8 -3.04 5.77 -1.63
N LEU A 9 -4.06 4.97 -1.96
CA LEU A 9 -5.30 5.52 -2.51
C LEU A 9 -6.13 6.14 -1.39
N HIS A 10 -6.11 5.54 -0.20
CA HIS A 10 -6.88 6.01 0.94
C HIS A 10 -8.34 6.19 0.58
N LEU A 11 -8.91 5.17 -0.08
CA LEU A 11 -10.28 5.27 -0.55
C LEU A 11 -11.19 5.55 0.63
N CYS A 12 -12.15 6.42 0.38
CA CYS A 12 -13.20 6.66 1.36
C CYS A 12 -14.37 7.30 0.60
N VAL A 13 -15.65 7.18 1.32
CA VAL A 13 -16.88 7.69 0.66
C VAL A 13 -16.79 9.17 0.28
N GLU A 14 -16.20 10.02 1.13
CA GLU A 14 -16.24 11.46 0.93
C GLU A 14 -15.03 11.97 0.16
N GLU A 15 -14.32 11.08 -0.56
CA GLU A 15 -13.35 11.47 -1.57
C GLU A 15 -13.74 10.80 -2.88
N PRO A 16 -14.88 11.21 -3.47
CA PRO A 16 -15.41 10.51 -4.63
C PRO A 16 -14.58 10.58 -5.89
N ALA A 17 -13.71 11.59 -6.04
CA ALA A 17 -12.90 11.64 -7.23
C ALA A 17 -11.91 10.48 -7.24
N ILE A 18 -11.40 10.11 -6.06
CA ILE A 18 -10.45 9.02 -5.97
C ILE A 18 -11.17 7.71 -6.30
N THR A 19 -12.37 7.53 -5.74
CA THR A 19 -13.13 6.31 -6.03
C THR A 19 -13.36 6.17 -7.53
N ALA A 20 -13.80 7.24 -8.19
CA ALA A 20 -14.08 7.20 -9.62
C ALA A 20 -12.81 6.94 -10.42
N GLY A 21 -11.72 7.59 -10.00
CA GLY A 21 -10.43 7.43 -10.65
C GLY A 21 -9.91 6.00 -10.56
N PHE A 22 -10.09 5.39 -9.38
CA PHE A 22 -9.70 4.01 -9.19
C PHE A 22 -10.51 3.04 -10.04
N LEU A 23 -11.83 3.23 -10.08
CA LEU A 23 -12.67 2.38 -10.93
C LEU A 23 -12.25 2.49 -12.39
N ARG A 24 -11.92 3.71 -12.83
CA ARG A 24 -11.48 3.92 -14.21
C ARG A 24 -10.14 3.24 -14.44
N PHE A 25 -9.23 3.37 -13.48
CA PHE A 25 -7.93 2.72 -13.56
C PHE A 25 -8.11 1.21 -13.72
N LEU A 26 -9.00 0.61 -12.93
CA LEU A 26 -9.19 -0.84 -13.00
C LEU A 26 -9.67 -1.26 -14.40
N ALA A 27 -10.62 -0.51 -14.95
CA ALA A 27 -11.24 -0.85 -16.22
C ALA A 27 -10.30 -0.57 -17.40
N GLU A 28 -9.52 0.52 -17.34
CA GLU A 28 -8.73 0.96 -18.49
C GLU A 28 -7.27 0.47 -18.44
N GLU A 29 -6.67 0.40 -17.25
CA GLU A 29 -5.27 0.03 -17.13
C GLU A 29 -5.10 -1.39 -16.59
N ALA A 30 -5.72 -1.71 -15.44
CA ALA A 30 -5.46 -3.00 -14.82
C ALA A 30 -5.90 -4.14 -15.76
N ARG A 31 -7.03 -3.95 -16.43
CA ARG A 31 -7.62 -4.94 -17.30
C ARG A 31 -6.64 -5.41 -18.38
N LYS A 32 -5.73 -4.53 -18.82
CA LYS A 32 -4.82 -4.89 -19.91
C LYS A 32 -3.43 -5.24 -19.37
N ALA A 33 -3.24 -5.26 -18.05
CA ALA A 33 -1.95 -5.58 -17.47
C ALA A 33 -1.77 -7.08 -17.30
N ASP A 34 -0.55 -7.50 -16.99
CA ASP A 34 -0.26 -8.88 -16.62
C ASP A 34 -0.65 -9.19 -15.17
N ALA A 35 -0.52 -8.18 -14.30
CA ALA A 35 -0.78 -8.32 -12.87
C ALA A 35 -0.87 -6.90 -12.30
N LEU A 36 -1.57 -6.80 -11.17
CA LEU A 36 -1.68 -5.57 -10.41
C LEU A 36 -1.26 -5.82 -8.97
N TYR A 37 -0.37 -4.96 -8.47
CA TYR A 37 0.08 -5.01 -7.08
C TYR A 37 -0.35 -3.71 -6.39
N ILE A 38 -1.04 -3.86 -5.25
CA ILE A 38 -1.51 -2.74 -4.45
C ILE A 38 -0.70 -2.75 -3.16
N LEU A 39 0.20 -1.79 -3.00
CA LEU A 39 1.20 -1.84 -1.94
C LEU A 39 0.71 -1.05 -0.73
N GLY A 40 -0.50 -1.30 -0.30
CA GLY A 40 -0.98 -0.83 0.98
C GLY A 40 -1.68 0.51 0.94
N ASP A 41 -2.47 0.78 1.98
CA ASP A 41 -3.24 2.00 2.11
C ASP A 41 -4.16 2.14 0.91
N LEU A 42 -4.81 1.03 0.54
CA LEU A 42 -5.89 1.08 -0.43
C LEU A 42 -7.07 1.86 0.15
N PHE A 43 -7.34 1.66 1.45
CA PHE A 43 -8.44 2.32 2.15
C PHE A 43 -7.92 3.32 3.18
N GLU A 44 -8.75 4.32 3.46
CA GLU A 44 -8.44 5.36 4.42
C GLU A 44 -8.21 4.74 5.80
N ALA A 45 -9.00 3.72 6.13
CA ALA A 45 -8.85 2.97 7.36
C ALA A 45 -9.57 1.65 7.19
N TRP A 46 -9.15 0.62 7.91
CA TRP A 46 -9.84 -0.66 7.93
C TRP A 46 -10.05 -1.06 9.39
N ILE A 47 -11.30 -1.35 9.74
N ILE A 47 -11.30 -1.39 9.74
CA ILE A 47 -11.60 -1.74 11.11
CA ILE A 47 -11.63 -1.74 11.12
C ILE A 47 -12.22 -3.13 11.14
C ILE A 47 -12.06 -3.21 11.20
N GLY A 48 -12.02 -3.93 10.08
CA GLY A 48 -12.47 -5.31 10.02
C GLY A 48 -13.26 -5.61 8.75
N ASP A 49 -13.13 -6.86 8.30
CA ASP A 49 -13.76 -7.33 7.08
C ASP A 49 -15.30 -7.36 7.18
N ASP A 50 -15.83 -7.40 8.41
CA ASP A 50 -17.27 -7.37 8.64
C ASP A 50 -17.87 -5.97 8.48
N ASP A 51 -17.06 -4.97 8.14
CA ASP A 51 -17.56 -3.62 8.00
C ASP A 51 -18.57 -3.56 6.85
N PRO A 52 -19.82 -3.10 7.08
CA PRO A 52 -20.83 -3.06 6.03
C PRO A 52 -20.74 -1.89 5.06
N ASN A 53 -19.71 -1.05 5.18
CA ASN A 53 -19.52 0.10 4.30
C ASN A 53 -19.77 -0.27 2.83
N PRO A 54 -20.80 0.33 2.17
CA PRO A 54 -21.09 0.02 0.77
C PRO A 54 -19.90 0.25 -0.14
N LEU A 55 -19.01 1.20 0.19
CA LEU A 55 -17.81 1.39 -0.60
C LEU A 55 -17.02 0.08 -0.71
N HIS A 56 -16.94 -0.68 0.39
CA HIS A 56 -16.15 -1.89 0.40
C HIS A 56 -16.74 -2.91 -0.57
N ARG A 57 -18.08 -2.98 -0.65
CA ARG A 57 -18.74 -3.93 -1.53
C ARG A 57 -18.39 -3.60 -2.98
N GLN A 58 -18.55 -2.32 -3.35
CA GLN A 58 -18.34 -1.91 -4.73
C GLN A 58 -16.87 -2.05 -5.12
N MET A 59 -15.95 -1.66 -4.22
CA MET A 59 -14.53 -1.78 -4.52
C MET A 59 -14.14 -3.26 -4.64
N ALA A 60 -14.63 -4.11 -3.75
CA ALA A 60 -14.31 -5.54 -3.84
C ALA A 60 -14.76 -6.10 -5.18
N ALA A 61 -15.98 -5.78 -5.61
CA ALA A 61 -16.51 -6.33 -6.85
C ALA A 61 -15.67 -5.84 -8.04
N ALA A 62 -15.21 -4.60 -7.99
CA ALA A 62 -14.47 -4.02 -9.11
C ALA A 62 -13.08 -4.64 -9.23
N ILE A 63 -12.42 -4.92 -8.09
CA ILE A 63 -11.13 -5.57 -8.07
C ILE A 63 -11.32 -7.03 -8.52
N LYS A 64 -12.37 -7.69 -8.02
CA LYS A 64 -12.59 -9.09 -8.36
C LYS A 64 -12.88 -9.23 -9.86
N ALA A 65 -13.51 -8.24 -10.48
CA ALA A 65 -13.74 -8.33 -11.91
C ALA A 65 -12.43 -8.33 -12.67
N VAL A 66 -11.41 -7.63 -12.17
CA VAL A 66 -10.11 -7.64 -12.82
C VAL A 66 -9.48 -9.03 -12.70
N SER A 67 -9.44 -9.60 -11.50
CA SER A 67 -8.78 -10.90 -11.38
C SER A 67 -9.61 -11.98 -12.07
N ASP A 68 -10.95 -11.86 -12.07
CA ASP A 68 -11.76 -12.86 -12.77
C ASP A 68 -11.52 -12.78 -14.28
N SER A 69 -11.03 -11.64 -14.79
CA SER A 69 -10.73 -11.45 -16.20
C SER A 69 -9.36 -12.02 -16.56
N GLY A 70 -8.64 -12.58 -15.58
CA GLY A 70 -7.33 -13.19 -15.80
C GLY A 70 -6.12 -12.35 -15.38
N VAL A 71 -6.33 -11.23 -14.69
CA VAL A 71 -5.24 -10.37 -14.25
C VAL A 71 -5.16 -10.50 -12.74
N PRO A 72 -4.19 -11.25 -12.19
CA PRO A 72 -4.11 -11.43 -10.75
C PRO A 72 -3.81 -10.11 -10.03
N CYS A 73 -4.43 -9.97 -8.86
CA CYS A 73 -4.36 -8.77 -8.05
C CYS A 73 -3.81 -9.15 -6.69
N TYR A 74 -2.75 -8.46 -6.25
CA TYR A 74 -2.04 -8.78 -5.04
C TYR A 74 -2.05 -7.57 -4.12
N PHE A 75 -2.01 -7.83 -2.82
CA PHE A 75 -2.13 -6.78 -1.82
C PHE A 75 -1.08 -6.97 -0.72
N ILE A 76 -0.29 -5.91 -0.49
CA ILE A 76 0.54 -5.78 0.71
C ILE A 76 -0.15 -4.74 1.60
N HIS A 77 -0.25 -5.08 2.88
CA HIS A 77 -0.94 -4.21 3.82
C HIS A 77 -0.19 -2.88 4.02
N GLY A 78 -0.97 -1.84 4.26
CA GLY A 78 -0.45 -0.56 4.72
C GLY A 78 -0.71 -0.35 6.20
N ASN A 79 -0.28 0.80 6.71
CA ASN A 79 -0.57 1.16 8.09
C ASN A 79 -2.05 1.51 8.28
N ARG A 80 -2.77 1.90 7.22
CA ARG A 80 -4.18 2.21 7.36
C ARG A 80 -5.04 0.95 7.37
N ASP A 81 -4.59 -0.12 6.69
CA ASP A 81 -5.47 -1.22 6.37
C ASP A 81 -4.86 -2.58 6.68
N PHE A 82 -4.03 -2.65 7.74
CA PHE A 82 -3.38 -3.89 8.14
C PHE A 82 -4.39 -4.95 8.63
N LEU A 83 -5.62 -4.55 8.98
CA LEU A 83 -6.62 -5.51 9.38
C LEU A 83 -7.32 -6.17 8.20
N LEU A 84 -7.06 -5.71 6.98
CA LEU A 84 -7.74 -6.31 5.85
C LEU A 84 -7.38 -7.79 5.78
N GLY A 85 -8.40 -8.65 5.77
CA GLY A 85 -8.22 -10.08 6.00
C GLY A 85 -8.62 -10.97 4.85
N LYS A 86 -8.68 -12.28 5.15
CA LYS A 86 -8.92 -13.29 4.13
C LYS A 86 -10.35 -13.20 3.60
N ARG A 87 -11.30 -12.75 4.43
CA ARG A 87 -12.68 -12.66 3.99
C ARG A 87 -12.78 -11.60 2.90
N PHE A 88 -12.17 -10.44 3.14
CA PHE A 88 -12.22 -9.37 2.15
C PHE A 88 -11.35 -9.72 0.95
N ALA A 89 -10.23 -10.42 1.15
CA ALA A 89 -9.42 -10.87 0.03
C ALA A 89 -10.23 -11.77 -0.88
N ARG A 90 -11.05 -12.65 -0.29
CA ARG A 90 -11.88 -13.53 -1.10
C ARG A 90 -12.94 -12.72 -1.85
N GLU A 91 -13.58 -11.76 -1.18
CA GLU A 91 -14.60 -10.95 -1.81
C GLU A 91 -14.03 -10.16 -2.98
N SER A 92 -12.79 -9.70 -2.83
CA SER A 92 -12.16 -8.83 -3.80
C SER A 92 -11.30 -9.58 -4.81
N GLY A 93 -11.17 -10.90 -4.68
CA GLY A 93 -10.28 -11.70 -5.52
C GLY A 93 -8.81 -11.26 -5.46
N MET A 94 -8.35 -10.82 -4.29
CA MET A 94 -6.96 -10.45 -4.11
C MET A 94 -6.21 -11.56 -3.39
N THR A 95 -4.93 -11.72 -3.74
CA THR A 95 -4.00 -12.54 -2.98
C THR A 95 -3.23 -11.64 -2.02
N LEU A 96 -3.25 -12.01 -0.74
CA LEU A 96 -2.51 -11.29 0.28
C LEU A 96 -1.06 -11.72 0.30
N LEU A 97 -0.18 -10.71 0.34
CA LEU A 97 1.27 -10.94 0.31
C LEU A 97 1.85 -10.59 1.69
N PRO A 98 3.07 -11.08 1.99
CA PRO A 98 3.80 -10.64 3.18
C PRO A 98 4.30 -9.21 3.02
N GLU A 99 4.94 -8.69 4.08
CA GLU A 99 5.27 -7.28 4.14
C GLU A 99 6.39 -6.93 3.18
N GLU A 100 7.23 -7.91 2.80
CA GLU A 100 8.26 -7.76 1.78
C GLU A 100 8.10 -8.89 0.77
N LYS A 101 8.19 -8.58 -0.52
CA LYS A 101 8.10 -9.59 -1.57
C LYS A 101 9.04 -9.23 -2.70
N VAL A 102 9.79 -10.22 -3.19
CA VAL A 102 10.61 -10.06 -4.39
C VAL A 102 9.88 -10.67 -5.58
N LEU A 103 9.78 -9.87 -6.64
CA LEU A 103 9.21 -10.30 -7.91
C LEU A 103 10.33 -10.41 -8.94
N GLU A 104 10.19 -11.35 -9.87
CA GLU A 104 11.03 -11.33 -11.06
C GLU A 104 10.13 -10.98 -12.25
N LEU A 105 10.37 -9.81 -12.82
CA LEU A 105 9.50 -9.26 -13.84
C LEU A 105 10.31 -9.05 -15.10
N TYR A 106 10.05 -9.90 -16.11
CA TYR A 106 10.70 -9.77 -17.40
C TYR A 106 12.22 -9.77 -17.18
N GLY A 107 12.70 -10.62 -16.25
CA GLY A 107 14.12 -10.78 -15.98
C GLY A 107 14.66 -9.89 -14.84
N ARG A 108 13.87 -8.94 -14.34
CA ARG A 108 14.34 -7.95 -13.39
C ARG A 108 13.81 -8.25 -12.00
N ARG A 109 14.68 -8.36 -11.00
CA ARG A 109 14.25 -8.63 -9.63
C ARG A 109 13.91 -7.33 -8.92
N VAL A 110 12.70 -7.27 -8.36
CA VAL A 110 12.18 -6.05 -7.76
C VAL A 110 11.61 -6.38 -6.39
N LEU A 111 12.04 -5.63 -5.37
CA LEU A 111 11.51 -5.71 -4.02
C LEU A 111 10.34 -4.73 -3.90
N ILE A 112 9.23 -5.20 -3.31
CA ILE A 112 8.05 -4.37 -3.06
C ILE A 112 7.67 -4.46 -1.59
N MET A 113 7.18 -3.34 -1.05
CA MET A 113 6.68 -3.27 0.32
C MET A 113 5.87 -1.98 0.46
N HIS A 114 5.13 -1.82 1.56
CA HIS A 114 4.40 -0.57 1.75
C HIS A 114 5.36 0.60 1.97
N GLY A 115 6.40 0.39 2.78
CA GLY A 115 7.40 1.41 3.02
C GLY A 115 7.53 1.81 4.49
N ASP A 116 6.48 1.59 5.31
CA ASP A 116 6.50 2.09 6.69
C ASP A 116 7.55 1.34 7.52
N THR A 117 7.90 0.11 7.13
CA THR A 117 8.90 -0.64 7.88
C THR A 117 10.30 -0.05 7.63
N LEU A 118 10.46 0.82 6.62
CA LEU A 118 11.75 1.45 6.36
C LEU A 118 11.93 2.72 7.19
N CYS A 119 10.88 3.16 7.88
CA CYS A 119 10.91 4.42 8.62
C CYS A 119 11.37 4.13 10.04
N THR A 120 12.62 3.66 10.15
CA THR A 120 13.11 3.04 11.37
C THR A 120 13.51 4.08 12.41
N ASP A 121 13.61 5.36 12.02
CA ASP A 121 14.01 6.38 12.97
C ASP A 121 12.82 6.86 13.78
N ASP A 122 11.60 6.47 13.37
CA ASP A 122 10.42 6.88 14.12
C ASP A 122 10.10 5.79 15.13
N ALA A 123 10.75 5.89 16.30
CA ALA A 123 10.61 4.88 17.35
C ALA A 123 9.16 4.80 17.84
N GLY A 124 8.49 5.95 17.93
CA GLY A 124 7.10 6.02 18.36
C GLY A 124 6.17 5.27 17.41
N TYR A 125 6.36 5.45 16.11
CA TYR A 125 5.56 4.72 15.15
C TYR A 125 5.87 3.22 15.20
N GLN A 126 7.16 2.86 15.26
CA GLN A 126 7.52 1.46 15.20
C GLN A 126 6.98 0.73 16.44
N ALA A 127 6.97 1.44 17.58
CA ALA A 127 6.40 0.90 18.80
C ALA A 127 4.93 0.59 18.59
N PHE A 128 4.21 1.59 18.09
CA PHE A 128 2.78 1.47 17.77
C PHE A 128 2.55 0.31 16.81
N ARG A 129 3.35 0.27 15.74
CA ARG A 129 3.16 -0.75 14.72
C ARG A 129 3.29 -2.15 15.32
N ALA A 130 4.29 -2.36 16.19
CA ALA A 130 4.52 -3.69 16.75
C ALA A 130 3.29 -4.12 17.57
N LYS A 131 2.72 -3.17 18.33
CA LYS A 131 1.56 -3.45 19.16
C LYS A 131 0.35 -3.86 18.32
N VAL A 132 0.02 -3.07 17.29
CA VAL A 132 -1.21 -3.31 16.54
C VAL A 132 -1.06 -4.48 15.56
N HIS A 133 0.16 -5.01 15.39
CA HIS A 133 0.37 -6.20 14.59
C HIS A 133 0.34 -7.49 15.42
N LYS A 134 0.11 -7.38 16.73
CA LYS A 134 -0.02 -8.58 17.57
C LYS A 134 -1.36 -9.25 17.29
N PRO A 135 -1.36 -10.50 16.78
CA PRO A 135 -2.61 -11.17 16.43
C PRO A 135 -3.62 -11.21 17.57
N TRP A 136 -3.16 -11.41 18.81
CA TRP A 136 -4.07 -11.53 19.94
C TRP A 136 -4.81 -10.20 20.16
N LEU A 137 -4.11 -9.08 19.99
CA LEU A 137 -4.70 -7.76 20.18
C LEU A 137 -5.64 -7.42 19.01
N GLN A 138 -5.26 -7.79 17.79
CA GLN A 138 -6.15 -7.61 16.65
C GLN A 138 -7.46 -8.38 16.85
N MET A 139 -7.34 -9.65 17.25
CA MET A 139 -8.52 -10.50 17.39
C MET A 139 -9.41 -9.97 18.50
N LEU A 140 -8.81 -9.33 19.51
CA LEU A 140 -9.53 -8.68 20.59
C LEU A 140 -10.27 -7.40 20.13
N PHE A 141 -9.59 -6.56 19.34
CA PHE A 141 -10.21 -5.37 18.73
C PHE A 141 -11.43 -5.78 17.88
N LEU A 142 -11.26 -6.84 17.09
CA LEU A 142 -12.28 -7.28 16.14
C LEU A 142 -13.53 -7.81 16.84
N ALA A 143 -13.41 -8.12 18.15
CA ALA A 143 -14.53 -8.61 18.94
C ALA A 143 -15.40 -7.46 19.45
N LEU A 144 -14.93 -6.22 19.37
CA LEU A 144 -15.70 -5.06 19.78
C LEU A 144 -16.80 -4.78 18.78
N PRO A 145 -17.90 -4.10 19.19
CA PRO A 145 -18.93 -3.66 18.25
C PRO A 145 -18.29 -2.77 17.18
N LEU A 146 -18.85 -2.84 15.96
CA LEU A 146 -18.41 -1.98 14.87
C LEU A 146 -18.36 -0.51 15.28
N PHE A 147 -19.38 0.01 15.99
CA PHE A 147 -19.40 1.44 16.26
C PHE A 147 -18.25 1.82 17.20
N VAL A 148 -17.86 0.90 18.10
CA VAL A 148 -16.75 1.17 19.00
C VAL A 148 -15.44 1.15 18.21
N ARG A 149 -15.29 0.17 17.31
CA ARG A 149 -14.12 0.14 16.43
C ARG A 149 -13.99 1.41 15.60
N LYS A 150 -15.11 1.95 15.10
CA LYS A 150 -15.05 3.19 14.32
C LYS A 150 -14.59 4.37 15.18
N ARG A 151 -15.06 4.43 16.42
CA ARG A 151 -14.63 5.50 17.31
C ARG A 151 -13.14 5.40 17.61
N ILE A 152 -12.65 4.18 17.85
CA ILE A 152 -11.23 3.99 18.09
C ILE A 152 -10.42 4.45 16.86
N ALA A 153 -10.83 4.01 15.68
CA ALA A 153 -10.12 4.38 14.46
C ALA A 153 -10.13 5.90 14.26
N ALA A 154 -11.27 6.54 14.52
CA ALA A 154 -11.39 7.98 14.36
C ALA A 154 -10.40 8.68 15.30
N ARG A 155 -10.30 8.18 16.54
CA ARG A 155 -9.38 8.75 17.52
C ARG A 155 -7.93 8.55 17.09
N MET A 156 -7.64 7.34 16.57
CA MET A 156 -6.30 7.03 16.09
C MET A 156 -5.92 7.96 14.94
N ARG A 157 -6.86 8.20 14.02
CA ARG A 157 -6.62 9.08 12.88
C ARG A 157 -6.30 10.48 13.39
N ALA A 158 -7.12 10.98 14.33
CA ALA A 158 -6.97 12.33 14.86
C ALA A 158 -5.62 12.49 15.56
N ASN A 159 -5.26 11.53 16.41
CA ASN A 159 -4.03 11.60 17.19
C ASN A 159 -2.81 11.45 16.29
N SER A 160 -2.99 10.70 15.20
CA SER A 160 -1.93 10.52 14.21
C SER A 160 -1.64 11.84 13.51
N LYS A 161 -2.68 12.54 13.05
CA LYS A 161 -2.52 13.83 12.39
C LYS A 161 -1.82 14.81 13.33
N GLU A 162 -2.17 14.75 14.62
CA GLU A 162 -1.63 15.65 15.63
C GLU A 162 -0.16 15.32 15.90
N ALA A 163 0.15 14.03 16.02
CA ALA A 163 1.52 13.58 16.26
C ALA A 163 2.42 13.93 15.07
N ASN A 164 1.90 13.74 13.85
CA ASN A 164 2.66 13.95 12.62
C ASN A 164 3.06 15.42 12.46
N SER A 165 2.16 16.34 12.81
CA SER A 165 2.44 17.76 12.66
C SER A 165 3.59 18.20 13.56
N SER A 166 3.97 17.37 14.55
CA SER A 166 5.02 17.68 15.51
C SER A 166 6.34 16.94 15.18
N LYS A 167 6.32 16.05 14.19
CA LYS A 167 7.46 15.19 13.91
C LYS A 167 8.33 15.81 12.81
N SER A 168 9.64 15.59 12.91
CA SER A 168 10.56 16.06 11.88
C SER A 168 10.31 15.29 10.58
N LEU A 169 10.65 15.92 9.47
CA LEU A 169 10.50 15.29 8.17
C LEU A 169 11.36 14.04 8.12
N ALA A 170 12.54 14.07 8.76
CA ALA A 170 13.47 12.95 8.74
C ALA A 170 12.84 11.72 9.39
N ILE A 171 12.23 11.83 10.58
CA ILE A 171 11.75 10.60 11.20
C ILE A 171 10.57 10.03 10.43
N MET A 172 9.90 10.84 9.62
CA MET A 172 8.75 10.33 8.88
C MET A 172 9.07 9.90 7.45
N ASP A 173 10.33 10.01 7.06
CA ASP A 173 10.76 9.46 5.79
C ASP A 173 11.57 8.19 6.08
N VAL A 174 11.82 7.41 5.03
CA VAL A 174 12.61 6.20 5.14
C VAL A 174 14.01 6.52 5.66
N ASN A 175 14.60 5.53 6.33
CA ASN A 175 15.97 5.55 6.78
C ASN A 175 16.84 4.91 5.69
N GLN A 176 17.94 5.57 5.31
CA GLN A 176 18.74 5.09 4.18
C GLN A 176 19.44 3.77 4.49
N ASN A 177 19.94 3.60 5.73
CA ASN A 177 20.49 2.32 6.13
C ASN A 177 19.45 1.21 5.98
N ALA A 178 18.20 1.48 6.36
CA ALA A 178 17.14 0.47 6.25
C ALA A 178 16.86 0.14 4.78
N VAL A 179 16.84 1.16 3.91
CA VAL A 179 16.65 0.96 2.49
C VAL A 179 17.73 0.03 1.94
N VAL A 180 18.99 0.38 2.21
CA VAL A 180 20.09 -0.37 1.65
C VAL A 180 20.09 -1.78 2.25
N SER A 181 19.83 -1.89 3.54
CA SER A 181 19.79 -3.19 4.19
C SER A 181 18.77 -4.10 3.54
N ALA A 182 17.58 -3.57 3.24
CA ALA A 182 16.53 -4.36 2.62
C ALA A 182 16.94 -4.79 1.22
N MET A 183 17.53 -3.87 0.44
CA MET A 183 17.90 -4.17 -0.92
C MET A 183 19.09 -5.14 -1.00
N GLU A 184 19.94 -5.16 0.04
CA GLU A 184 21.05 -6.10 0.07
C GLU A 184 20.62 -7.45 0.67
N LYS A 185 19.66 -7.44 1.59
CA LYS A 185 19.08 -8.69 2.08
C LYS A 185 18.55 -9.51 0.89
N HIS A 186 17.83 -8.83 -0.02
CA HIS A 186 17.13 -9.45 -1.15
C HIS A 186 17.98 -9.42 -2.43
N GLN A 187 19.15 -8.78 -2.38
CA GLN A 187 20.08 -8.64 -3.50
C GLN A 187 19.35 -8.15 -4.76
N VAL A 188 18.62 -7.04 -4.59
CA VAL A 188 17.92 -6.38 -5.68
C VAL A 188 18.52 -5.01 -5.95
N GLN A 189 18.30 -4.54 -7.18
CA GLN A 189 18.70 -3.20 -7.56
C GLN A 189 17.47 -2.31 -7.71
N TRP A 190 16.27 -2.85 -7.45
CA TRP A 190 15.02 -2.12 -7.59
C TRP A 190 14.14 -2.34 -6.37
N LEU A 191 13.58 -1.25 -5.84
CA LEU A 191 12.65 -1.26 -4.72
C LEU A 191 11.51 -0.33 -5.10
N ILE A 192 10.27 -0.80 -4.96
CA ILE A 192 9.10 0.05 -5.11
C ILE A 192 8.36 0.06 -3.78
N HIS A 193 7.99 1.25 -3.30
CA HIS A 193 7.21 1.34 -2.08
C HIS A 193 6.33 2.59 -2.14
N GLY A 194 5.46 2.72 -1.14
CA GLY A 194 4.65 3.91 -0.94
C GLY A 194 4.87 4.47 0.45
N HIS A 195 3.77 4.70 1.16
CA HIS A 195 3.73 5.14 2.55
C HIS A 195 4.08 6.61 2.75
N THR A 196 5.20 7.05 2.18
CA THR A 196 5.70 8.39 2.49
C THR A 196 4.99 9.48 1.69
N HIS A 197 4.24 9.11 0.64
CA HIS A 197 3.49 10.07 -0.16
C HIS A 197 4.40 11.11 -0.82
N ARG A 198 5.64 10.71 -1.11
CA ARG A 198 6.62 11.60 -1.75
C ARG A 198 7.05 10.93 -3.05
N PRO A 199 6.24 11.01 -4.12
CA PRO A 199 6.54 10.27 -5.35
C PRO A 199 7.87 10.75 -5.95
N ALA A 200 8.71 9.79 -6.35
CA ALA A 200 10.01 10.12 -6.91
C ALA A 200 10.71 8.84 -7.34
N VAL A 201 11.70 8.99 -8.22
CA VAL A 201 12.66 7.93 -8.49
C VAL A 201 13.98 8.40 -7.88
N HIS A 202 14.49 7.63 -6.91
CA HIS A 202 15.75 7.93 -6.28
C HIS A 202 16.82 6.96 -6.78
N GLU A 203 17.98 7.48 -7.12
CA GLU A 203 19.13 6.67 -7.44
C GLU A 203 19.97 6.48 -6.18
N LEU A 204 20.52 5.28 -6.03
CA LEU A 204 21.36 4.97 -4.89
C LEU A 204 22.28 3.81 -5.27
N ILE A 205 23.03 3.34 -4.27
CA ILE A 205 23.89 2.17 -4.43
C ILE A 205 23.41 1.08 -3.48
N ALA A 206 23.27 -0.14 -4.01
CA ALA A 206 23.02 -1.33 -3.23
C ALA A 206 23.79 -2.47 -3.87
N ASN A 207 24.39 -3.33 -3.05
CA ASN A 207 25.16 -4.44 -3.60
C ASN A 207 26.31 -3.91 -4.46
N GLN A 208 26.82 -2.72 -4.11
CA GLN A 208 27.91 -2.04 -4.81
C GLN A 208 27.61 -1.80 -6.28
N GLN A 209 26.31 -1.62 -6.60
CA GLN A 209 25.86 -1.42 -7.95
C GLN A 209 24.78 -0.34 -7.98
N PRO A 210 24.56 0.33 -9.13
CA PRO A 210 23.46 1.28 -9.24
C PRO A 210 22.13 0.62 -8.89
N ALA A 211 21.33 1.38 -8.15
CA ALA A 211 20.04 0.91 -7.67
C ALA A 211 19.04 2.06 -7.73
N PHE A 212 17.77 1.69 -7.64
CA PHE A 212 16.67 2.64 -7.75
C PHE A 212 15.64 2.34 -6.68
N ARG A 213 15.13 3.40 -6.05
CA ARG A 213 14.03 3.34 -5.12
C ARG A 213 12.94 4.22 -5.70
N VAL A 214 11.83 3.58 -6.09
CA VAL A 214 10.73 4.23 -6.77
C VAL A 214 9.58 4.35 -5.77
N VAL A 215 9.14 5.58 -5.52
CA VAL A 215 8.13 5.85 -4.50
C VAL A 215 6.86 6.31 -5.19
N LEU A 216 5.77 5.58 -4.91
CA LEU A 216 4.44 5.89 -5.45
C LEU A 216 3.89 7.12 -4.74
N GLY A 217 2.97 7.80 -5.44
CA GLY A 217 2.27 8.92 -4.86
C GLY A 217 0.94 8.48 -4.24
N ALA A 218 0.50 9.28 -3.29
CA ALA A 218 -0.86 9.15 -2.79
C ALA A 218 -1.82 9.72 -3.84
N TRP A 219 -3.02 9.14 -3.87
CA TRP A 219 -4.05 9.59 -4.78
C TRP A 219 -4.78 10.71 -4.08
N HIS A 220 -4.92 11.86 -4.72
CA HIS A 220 -5.76 12.91 -4.15
C HIS A 220 -6.52 13.52 -5.32
N THR A 221 -5.84 14.32 -6.13
CA THR A 221 -6.46 14.95 -7.27
C THR A 221 -6.06 14.24 -8.55
N GLU A 222 -5.11 13.31 -8.44
CA GLU A 222 -4.69 12.47 -9.54
C GLU A 222 -4.17 11.15 -8.98
N GLY A 223 -3.97 10.18 -9.86
CA GLY A 223 -3.39 8.89 -9.47
C GLY A 223 -1.92 8.80 -9.84
N SER A 224 -1.30 7.73 -9.35
CA SER A 224 0.11 7.42 -9.50
C SER A 224 0.21 5.92 -9.70
N MET A 225 1.05 5.46 -10.64
CA MET A 225 1.35 4.04 -10.76
C MET A 225 2.82 3.89 -11.16
N VAL A 226 3.36 2.70 -10.89
CA VAL A 226 4.57 2.26 -11.55
C VAL A 226 4.22 1.18 -12.54
N LYS A 227 4.73 1.34 -13.77
CA LYS A 227 4.52 0.38 -14.82
C LYS A 227 5.85 -0.26 -15.15
N VAL A 228 5.93 -1.58 -14.98
CA VAL A 228 7.15 -2.34 -15.24
C VAL A 228 6.95 -3.15 -16.52
N THR A 229 7.88 -2.96 -17.47
CA THR A 229 7.92 -3.70 -18.73
C THR A 229 9.32 -4.31 -18.85
N ALA A 230 9.58 -5.05 -19.93
CA ALA A 230 10.90 -5.61 -20.15
C ALA A 230 11.98 -4.53 -20.12
N ASP A 231 11.68 -3.38 -20.74
CA ASP A 231 12.67 -2.36 -21.04
C ASP A 231 12.65 -1.20 -20.04
N ASP A 232 11.63 -1.09 -19.18
CA ASP A 232 11.55 0.11 -18.36
C ASP A 232 10.80 -0.15 -17.06
N VAL A 233 11.10 0.73 -16.10
CA VAL A 233 10.34 0.89 -14.86
C VAL A 233 9.95 2.36 -14.83
N GLU A 234 8.66 2.66 -14.95
CA GLU A 234 8.21 4.04 -15.14
C GLU A 234 7.23 4.43 -14.03
N LEU A 235 7.53 5.54 -13.34
CA LEU A 235 6.60 6.19 -12.43
C LEU A 235 5.76 7.19 -13.23
N ILE A 236 4.45 6.96 -13.24
CA ILE A 236 3.52 7.68 -14.10
C ILE A 236 2.44 8.31 -13.22
N HIS A 237 2.23 9.61 -13.37
CA HIS A 237 1.13 10.32 -12.74
C HIS A 237 0.09 10.54 -13.82
N PHE A 238 -1.18 10.33 -13.49
CA PHE A 238 -2.22 10.44 -14.49
C PHE A 238 -3.46 11.09 -13.91
N PRO A 239 -4.16 11.92 -14.72
CA PRO A 239 -5.39 12.54 -14.25
C PRO A 239 -6.55 11.55 -14.14
N PHE A 240 -7.52 11.97 -13.34
CA PHE A 240 -8.81 11.33 -13.24
C PHE A 240 -9.66 11.75 -14.45
#